data_6YIL
#
_entry.id   6YIL
#
_cell.length_a   94.260
_cell.length_b   34.620
_cell.length_c   40.110
_cell.angle_alpha   90.000
_cell.angle_beta   107.290
_cell.angle_gamma   90.000
#
_symmetry.space_group_name_H-M   'C 1 2 1'
#
loop_
_entity.id
_entity.type
_entity.pdbx_description
1 polymer CREBBP
2 non-polymer (3~{R})-~{N}-[3-(3,4-dihydro-2~{H}-quinolin-1-yl)-2,2-bis(fluoranyl)propyl]-3-methyl-2-oxidanylidene-3,4-dihydro-1~{H}-quinoxaline-5-carboxamide
3 water water
#
_entity_poly.entity_id   1
_entity_poly.type   'polypeptide(L)'
_entity_poly.pdbx_seq_one_letter_code
;SMRKKIFKPEELRQALMPTLEALYRQDPESLPFRQPVDPQLLGIPDYFDIVKNPMDLSTIKRKLDTGQYQEPWQYVDDVW
LMFNNAWLYNRKTSRVYKFCSKLAEVFEQEIDPVMQSLG
;
_entity_poly.pdbx_strand_id   A
#
loop_
_chem_comp.id
_chem_comp.type
_chem_comp.name
_chem_comp.formula
OSQ non-polymer (3~{R})-~{N}-[3-(3,4-dihydro-2~{H}-quinolin-1-yl)-2,2-bis(fluoranyl)propyl]-3-methyl-2-oxidanylidene-3,4-dihydro-1~{H}-quinoxaline-5-carboxamide 'C22 H24 F2 N4 O2'
#
# COMPACT_ATOMS: atom_id res chain seq x y z
N PHE A 7 -8.37 6.66 -18.02
CA PHE A 7 -7.54 5.43 -18.27
C PHE A 7 -8.46 4.24 -18.19
N LYS A 8 -8.27 3.28 -19.09
CA LYS A 8 -9.10 2.07 -19.03
C LYS A 8 -8.67 1.24 -17.84
N PRO A 9 -9.63 0.64 -17.15
CA PRO A 9 -9.25 -0.11 -15.96
C PRO A 9 -8.31 -1.27 -16.24
N GLU A 10 -8.47 -1.93 -17.37
CA GLU A 10 -7.57 -3.04 -17.73
C GLU A 10 -6.15 -2.56 -17.99
N GLU A 11 -5.99 -1.34 -18.50
CA GLU A 11 -4.68 -0.79 -18.72
C GLU A 11 -4.01 -0.47 -17.39
N LEU A 12 -4.77 0.10 -16.46
CA LEU A 12 -4.23 0.34 -15.12
C LEU A 12 -3.87 -0.95 -14.42
N ARG A 13 -4.70 -1.97 -14.52
CA ARG A 13 -4.37 -3.22 -13.88
C ARG A 13 -3.08 -3.76 -14.44
N GLN A 14 -2.98 -3.84 -15.76
CA GLN A 14 -1.82 -4.47 -16.36
C GLN A 14 -0.54 -3.74 -16.00
N ALA A 15 -0.59 -2.41 -16.02
CA ALA A 15 0.59 -1.60 -15.74
C ALA A 15 0.97 -1.57 -14.27
N LEU A 16 -0.02 -1.45 -13.40
CA LEU A 16 0.23 -1.19 -11.98
C LEU A 16 0.34 -2.45 -11.15
N MET A 17 -0.34 -3.53 -11.54
CA MET A 17 -0.31 -4.74 -10.69
C MET A 17 1.11 -5.23 -10.40
N PRO A 18 2.03 -5.19 -11.37
CA PRO A 18 3.39 -5.64 -11.04
C PRO A 18 4.06 -4.85 -9.92
N THR A 19 3.74 -3.56 -9.81
CA THR A 19 4.29 -2.75 -8.74
C THR A 19 3.74 -3.16 -7.38
N LEU A 20 2.46 -3.57 -7.36
CA LEU A 20 1.85 -4.09 -6.14
C LEU A 20 2.39 -5.48 -5.78
N GLU A 21 2.57 -6.32 -6.80
CA GLU A 21 3.19 -7.63 -6.60
C GLU A 21 4.58 -7.53 -6.00
N ALA A 22 5.33 -6.51 -6.40
CA ALA A 22 6.65 -6.31 -5.85
C ALA A 22 6.57 -6.08 -4.34
N LEU A 23 5.54 -5.38 -3.88
CA LEU A 23 5.36 -5.18 -2.43
C LEU A 23 4.99 -6.50 -1.73
N TYR A 24 4.03 -7.21 -2.31
CA TYR A 24 3.60 -8.49 -1.74
C TYR A 24 4.74 -9.51 -1.62
N ARG A 25 5.67 -9.47 -2.56
CA ARG A 25 6.77 -10.42 -2.57
C ARG A 25 7.71 -10.21 -1.42
N GLN A 26 7.69 -9.04 -0.80
CA GLN A 26 8.65 -8.78 0.28
C GLN A 26 8.27 -9.53 1.53
N ASP A 27 9.17 -10.42 1.99
CA ASP A 27 8.99 -11.19 3.22
C ASP A 27 10.27 -10.95 4.01
N PRO A 28 10.17 -10.49 5.26
CA PRO A 28 8.95 -10.43 6.05
C PRO A 28 8.16 -9.13 5.92
N GLU A 29 8.67 -8.19 5.12
CA GLU A 29 8.23 -6.80 5.29
C GLU A 29 6.79 -6.53 4.91
N SER A 30 6.23 -7.29 3.97
CA SER A 30 4.85 -7.02 3.57
C SER A 30 3.82 -7.59 4.53
N LEU A 31 4.23 -8.48 5.45
CA LEU A 31 3.23 -9.26 6.19
C LEU A 31 2.22 -8.42 6.95
N PRO A 32 2.63 -7.35 7.66
CA PRO A 32 1.61 -6.49 8.34
C PRO A 32 0.69 -5.72 7.43
N PHE A 33 1.00 -5.68 6.15
CA PHE A 33 0.31 -4.84 5.17
C PHE A 33 -0.60 -5.62 4.24
N ARG A 34 -0.62 -6.96 4.34
CA ARG A 34 -1.37 -7.79 3.39
C ARG A 34 -2.85 -7.82 3.60
N GLN A 35 -3.34 -7.44 4.77
N GLN A 35 -3.34 -7.44 4.77
CA GLN A 35 -4.77 -7.53 5.07
C GLN A 35 -5.18 -6.26 5.78
C GLN A 35 -5.18 -6.27 5.80
N PRO A 36 -6.47 -5.92 5.75
CA PRO A 36 -6.95 -4.76 6.52
C PRO A 36 -6.68 -4.93 8.00
N VAL A 37 -6.25 -3.85 8.64
CA VAL A 37 -6.00 -3.86 10.08
C VAL A 37 -7.32 -4.10 10.81
N ASP A 38 -7.30 -5.01 11.77
CA ASP A 38 -8.45 -5.33 12.63
C ASP A 38 -8.00 -4.94 14.04
N PRO A 39 -8.36 -3.74 14.52
CA PRO A 39 -7.72 -3.27 15.76
C PRO A 39 -7.97 -4.08 17.02
N GLN A 40 -9.18 -4.56 17.20
CA GLN A 40 -9.46 -5.40 18.38
C GLN A 40 -8.73 -6.73 18.28
N LEU A 41 -8.74 -7.38 17.11
CA LEU A 41 -8.06 -8.67 16.97
C LEU A 41 -6.55 -8.55 17.23
N LEU A 42 -5.95 -7.46 16.77
CA LEU A 42 -4.52 -7.23 16.93
C LEU A 42 -4.14 -6.56 18.27
N GLY A 43 -5.12 -6.20 19.09
CA GLY A 43 -4.85 -5.59 20.40
C GLY A 43 -4.30 -4.18 20.31
N ILE A 44 -4.73 -3.44 19.28
CA ILE A 44 -4.38 -2.03 19.09
C ILE A 44 -5.66 -1.23 18.96
N PRO A 45 -6.46 -1.21 20.04
CA PRO A 45 -7.83 -0.69 19.91
C PRO A 45 -7.96 0.79 19.56
N ASP A 46 -6.88 1.58 19.69
CA ASP A 46 -6.88 2.99 19.36
C ASP A 46 -6.54 3.25 17.88
N TYR A 47 -6.39 2.19 17.09
CA TYR A 47 -5.85 2.36 15.73
C TYR A 47 -6.69 3.31 14.89
N PHE A 48 -8.02 3.10 14.86
CA PHE A 48 -8.86 3.97 14.01
C PHE A 48 -9.02 5.38 14.55
N ASP A 49 -8.76 5.56 15.81
CA ASP A 49 -8.74 6.90 16.37
C ASP A 49 -7.62 7.74 15.74
N ILE A 50 -6.46 7.11 15.54
CA ILE A 50 -5.28 7.78 14.98
C ILE A 50 -5.30 7.73 13.47
N VAL A 51 -5.66 6.59 12.91
CA VAL A 51 -5.61 6.34 11.47
C VAL A 51 -7.02 6.50 10.89
N LYS A 52 -7.29 7.67 10.32
CA LYS A 52 -8.63 7.99 9.83
C LYS A 52 -8.98 7.28 8.56
N ASN A 53 -7.98 6.94 7.73
CA ASN A 53 -8.19 6.35 6.41
C ASN A 53 -7.26 5.16 6.28
N PRO A 54 -7.63 4.02 6.88
CA PRO A 54 -6.80 2.82 6.74
C PRO A 54 -6.63 2.40 5.30
N MET A 55 -5.50 1.74 5.00
CA MET A 55 -5.28 1.23 3.67
C MET A 55 -4.31 0.08 3.74
N ASP A 56 -4.45 -0.89 2.87
CA ASP A 56 -3.63 -2.12 2.91
C ASP A 56 -3.53 -2.69 1.50
N LEU A 57 -2.61 -3.62 1.30
CA LEU A 57 -2.36 -4.17 -0.01
C LEU A 57 -3.56 -4.88 -0.61
N SER A 58 -4.33 -5.61 0.21
CA SER A 58 -5.48 -6.32 -0.33
C SER A 58 -6.57 -5.37 -0.80
N THR A 59 -6.76 -4.24 -0.13
CA THR A 59 -7.72 -3.25 -0.57
C THR A 59 -7.29 -2.63 -1.86
N ILE A 60 -5.99 -2.31 -1.99
CA ILE A 60 -5.47 -1.74 -3.22
C ILE A 60 -5.65 -2.73 -4.38
N LYS A 61 -5.34 -4.01 -4.13
CA LYS A 61 -5.54 -5.02 -5.17
C LYS A 61 -6.99 -5.09 -5.59
N ARG A 62 -7.91 -5.07 -4.62
CA ARG A 62 -9.34 -5.11 -4.93
C ARG A 62 -9.74 -3.90 -5.76
N LYS A 63 -9.20 -2.73 -5.47
CA LYS A 63 -9.53 -1.55 -6.25
C LYS A 63 -9.05 -1.68 -7.69
N LEU A 64 -7.84 -2.23 -7.90
CA LEU A 64 -7.39 -2.51 -9.26
C LEU A 64 -8.29 -3.53 -9.95
N ASP A 65 -8.61 -4.60 -9.26
CA ASP A 65 -9.39 -5.69 -9.84
C ASP A 65 -10.79 -5.26 -10.24
N THR A 66 -11.34 -4.27 -9.54
CA THR A 66 -12.73 -3.86 -9.70
C THR A 66 -12.81 -2.47 -10.35
N GLY A 67 -11.71 -1.97 -10.92
CA GLY A 67 -11.76 -0.80 -11.73
C GLY A 67 -12.13 0.47 -10.96
N GLN A 68 -11.62 0.62 -9.74
CA GLN A 68 -11.94 1.78 -8.89
C GLN A 68 -11.03 2.98 -9.06
N TYR A 69 -9.92 2.82 -9.74
CA TYR A 69 -9.05 3.95 -10.06
C TYR A 69 -9.32 4.49 -11.43
N GLN A 70 -9.53 5.79 -11.52
CA GLN A 70 -9.67 6.46 -12.80
C GLN A 70 -8.34 6.83 -13.40
N GLU A 71 -7.32 7.07 -12.58
CA GLU A 71 -6.03 7.50 -13.11
C GLU A 71 -4.96 7.07 -12.13
N PRO A 72 -3.73 6.89 -12.62
CA PRO A 72 -2.74 6.16 -11.81
C PRO A 72 -2.26 6.87 -10.56
N TRP A 73 -2.33 8.20 -10.49
CA TRP A 73 -1.92 8.86 -9.25
C TRP A 73 -2.83 8.49 -8.09
N GLN A 74 -4.07 8.09 -8.35
CA GLN A 74 -4.91 7.64 -7.25
C GLN A 74 -4.38 6.36 -6.59
N TYR A 75 -3.81 5.48 -7.42
CA TYR A 75 -3.17 4.28 -6.93
C TYR A 75 -1.92 4.64 -6.12
N VAL A 76 -1.06 5.50 -6.67
CA VAL A 76 0.12 5.93 -5.95
C VAL A 76 -0.27 6.54 -4.59
N ASP A 77 -1.33 7.36 -4.58
CA ASP A 77 -1.79 7.94 -3.35
C ASP A 77 -2.25 6.91 -2.34
N ASP A 78 -2.90 5.84 -2.76
CA ASP A 78 -3.27 4.81 -1.78
C ASP A 78 -2.07 4.08 -1.22
N VAL A 79 -1.07 3.78 -2.07
CA VAL A 79 0.12 3.12 -1.55
C VAL A 79 0.80 4.02 -0.50
N TRP A 80 0.94 5.31 -0.84
CA TRP A 80 1.52 6.27 0.09
C TRP A 80 0.70 6.47 1.35
N LEU A 81 -0.62 6.38 1.25
CA LEU A 81 -1.50 6.45 2.42
C LEU A 81 -1.15 5.29 3.35
N MET A 82 -1.05 4.08 2.79
CA MET A 82 -0.65 2.93 3.58
C MET A 82 0.67 3.16 4.29
N PHE A 83 1.67 3.71 3.60
CA PHE A 83 2.94 3.98 4.22
C PHE A 83 2.83 5.03 5.33
N ASN A 84 2.17 6.13 5.02
CA ASN A 84 2.06 7.21 5.98
C ASN A 84 1.29 6.78 7.22
N ASN A 85 0.29 5.92 7.07
CA ASN A 85 -0.43 5.39 8.22
C ASN A 85 0.52 4.66 9.15
N ALA A 86 1.38 3.82 8.55
CA ALA A 86 2.29 3.02 9.34
C ALA A 86 3.35 3.87 10.05
N TRP A 87 3.87 4.88 9.38
CA TRP A 87 4.83 5.78 10.01
C TRP A 87 4.18 6.64 11.08
N LEU A 88 2.89 6.94 10.92
CA LEU A 88 2.15 7.71 11.91
C LEU A 88 1.90 6.89 13.16
N TYR A 89 1.38 5.67 13.00
CA TYR A 89 0.86 4.93 14.14
C TYR A 89 1.94 4.28 14.98
N ASN A 90 2.99 3.77 14.33
CA ASN A 90 3.94 2.91 15.00
C ASN A 90 5.18 3.68 15.41
N ARG A 91 5.81 3.25 16.48
CA ARG A 91 7.07 3.86 16.90
C ARG A 91 8.22 3.42 16.00
N LYS A 92 9.28 4.23 16.01
CA LYS A 92 10.34 4.09 15.06
C LYS A 92 11.14 2.80 15.23
N THR A 93 11.12 2.21 16.42
CA THR A 93 11.81 0.95 16.63
C THR A 93 11.00 -0.24 16.19
N SER A 94 9.72 -0.08 15.85
CA SER A 94 8.88 -1.24 15.61
C SER A 94 9.18 -1.91 14.31
N ARG A 95 8.88 -3.21 14.23
CA ARG A 95 9.00 -3.90 12.98
C ARG A 95 8.13 -3.26 11.90
N VAL A 96 6.88 -2.90 12.22
CA VAL A 96 6.02 -2.36 11.18
C VAL A 96 6.63 -1.10 10.59
N TYR A 97 7.17 -0.23 11.42
CA TYR A 97 7.77 1.03 10.93
C TYR A 97 8.93 0.74 9.98
N LYS A 98 9.85 -0.13 10.42
CA LYS A 98 11.00 -0.44 9.59
C LYS A 98 10.62 -1.22 8.31
N PHE A 99 9.64 -2.10 8.43
CA PHE A 99 9.12 -2.83 7.26
C PHE A 99 8.49 -1.84 6.27
N CYS A 100 7.74 -0.88 6.79
CA CYS A 100 7.18 0.16 5.94
C CYS A 100 8.27 0.88 5.14
N SER A 101 9.34 1.28 5.84
CA SER A 101 10.44 1.95 5.16
C SER A 101 11.03 1.13 4.02
N LYS A 102 11.16 -0.18 4.23
CA LYS A 102 11.66 -1.06 3.17
C LYS A 102 10.67 -1.09 2.00
N LEU A 103 9.37 -1.24 2.29
CA LEU A 103 8.38 -1.24 1.20
C LEU A 103 8.45 0.06 0.40
N ALA A 104 8.64 1.20 1.08
CA ALA A 104 8.68 2.47 0.38
C ALA A 104 9.91 2.52 -0.56
N GLU A 105 11.03 1.94 -0.13
CA GLU A 105 12.20 1.84 -1.01
C GLU A 105 11.88 1.03 -2.25
N VAL A 106 11.28 -0.14 -2.06
CA VAL A 106 10.94 -1.03 -3.18
C VAL A 106 9.97 -0.33 -4.12
N PHE A 107 8.92 0.27 -3.54
CA PHE A 107 7.89 0.89 -4.37
C PHE A 107 8.44 2.00 -5.23
N GLU A 108 9.32 2.83 -4.64
CA GLU A 108 9.88 3.94 -5.40
C GLU A 108 10.56 3.48 -6.69
N GLN A 109 11.30 2.39 -6.59
CA GLN A 109 12.02 1.88 -7.73
C GLN A 109 11.05 1.30 -8.76
N GLU A 110 10.02 0.61 -8.33
CA GLU A 110 9.06 -0.04 -9.22
C GLU A 110 8.19 0.99 -9.94
N ILE A 111 7.74 2.00 -9.19
CA ILE A 111 6.69 2.84 -9.74
C ILE A 111 7.20 3.87 -10.73
N ASP A 112 8.48 4.23 -10.63
CA ASP A 112 9.05 5.29 -11.46
C ASP A 112 8.87 5.04 -12.97
N PRO A 113 9.42 3.94 -13.51
CA PRO A 113 9.28 3.76 -14.95
C PRO A 113 7.82 3.52 -15.37
N VAL A 114 7.02 2.94 -14.49
CA VAL A 114 5.61 2.66 -14.80
C VAL A 114 4.83 3.94 -14.95
N MET A 115 5.01 4.88 -14.00
CA MET A 115 4.31 6.15 -14.14
C MET A 115 4.79 6.94 -15.35
N GLN A 116 6.09 6.86 -15.65
CA GLN A 116 6.61 7.48 -16.90
C GLN A 116 5.90 6.87 -18.13
N SER A 117 5.66 5.56 -18.12
CA SER A 117 5.01 4.87 -19.26
C SER A 117 3.53 5.16 -19.43
N LEU A 118 2.84 5.39 -18.31
CA LEU A 118 1.42 5.70 -18.35
C LEU A 118 1.13 7.12 -18.77
N GLY A 119 1.99 8.06 -18.39
CA GLY A 119 1.82 9.49 -18.73
C GLY A 119 0.65 10.13 -18.00
C4 OSQ B . 0.46 -3.06 13.64
C14 OSQ B . 4.81 -11.35 11.17
C5 OSQ B . 0.69 -3.33 14.99
C6 OSQ B . 0.56 -4.65 15.42
C11 OSQ B . 0.56 -9.53 11.26
C7 OSQ B . 0.25 -5.67 14.53
C8 OSQ B . 0.00 -5.40 13.15
C9 OSQ B . -0.32 -6.46 12.20
C10 OSQ B . -0.75 -8.87 11.72
C12 OSQ B . 1.31 -10.28 12.40
C13 OSQ B . 3.29 -11.19 11.06
N1 OSQ B . 0.65 -1.71 13.17
N2 OSQ B . -0.43 -7.81 12.65
C3 OSQ B . 0.14 -1.29 11.92
N3 OSQ B . 2.80 -10.34 12.22
C1 OSQ B . -0.48 -1.97 9.63
C2 OSQ B . -0.57 -2.33 11.12
C15 OSQ B . 5.54 -10.01 11.07
C16 OSQ B . 4.89 -8.94 11.93
C17 OSQ B . 5.61 -7.78 12.19
C18 OSQ B . 5.06 -6.77 12.96
C19 OSQ B . 3.78 -6.92 13.45
C20 OSQ B . 3.07 -8.09 13.21
C21 OSQ B . 3.60 -9.10 12.42
F1 OSQ B . 0.22 -10.43 10.32
F2 OSQ B . 1.38 -8.62 10.66
O1 OSQ B . -0.54 -6.23 11.00
C22 OSQ B . 0.12 -4.06 12.76
N4 OSQ B . -0.05 -3.66 11.36
O2 OSQ B . 0.36 -0.14 11.57
#